data_4FGY
#
_entry.id   4FGY
#
_cell.length_a   57.360
_cell.length_b   86.527
_cell.length_c   122.691
_cell.angle_alpha   90.000
_cell.angle_beta   90.000
_cell.angle_gamma   90.000
#
_symmetry.space_group_name_H-M   'C 2 2 21'
#
loop_
_entity.id
_entity.type
_entity.pdbx_description
1 polymer 'Peroxisome proliferator-activated receptor gamma'
2 polymer 'Nuclear receptor coactivator 1'
3 non-polymer "(4R,6S,8S,12R,14R,16Z,18R,19R,20S,21S)-19,21-dihydroxy-22-{(2S,2'R,5S,5'S)-5'-[(1R)-1-hydroxyethyl]-2,5'-dimethyloctahydro-2,2'-bifuran-5-yl}-4,6,8,12,14,18,20-heptamethyl-9,11-dioxodocos-16-enoic acid"
4 water water
#
loop_
_entity_poly.entity_id
_entity_poly.type
_entity_poly.pdbx_seq_one_letter_code
_entity_poly.pdbx_strand_id
1 'polypeptide(L)'
;ESADLRALAKHLYDSYIKSFPLTKAKARAILTGKTTDKSPFVIYDMNSLMMGEDKIKFKHITPLQEQSKEVAIRIFQGCQ
FRSVEAVQEITEYAKSIPGFVNLDLNDQVTLLKYGVHEIIYTMLASLMNKDGVLISEGQGFMTREFLKSLRKPFGDFMEP
KFEFAVKFNALELDDSDLAIFIAVIILSGDRPGLLNVKPIEDIQDNLLQALELQLKLNHPESSQLFAKLLQKMTDLRQIV
TEHVQLLQVIKKTETDMSLHPLLQEIYKDL
;
A
2 'polypeptide(L)' RHKILHRLLQE B
#
# COMPACT_ATOMS: atom_id res chain seq x y z
N GLU A 1 26.32 -1.87 -16.70
CA GLU A 1 24.86 -2.25 -16.63
C GLU A 1 24.52 -3.06 -15.37
N SER A 2 24.82 -4.37 -15.39
CA SER A 2 24.42 -5.30 -14.32
C SER A 2 25.22 -5.18 -13.01
N ALA A 3 25.74 -4.00 -12.76
CA ALA A 3 26.46 -3.69 -11.53
C ALA A 3 25.80 -2.43 -11.02
N ASP A 4 25.27 -1.67 -11.95
CA ASP A 4 24.45 -0.52 -11.62
C ASP A 4 23.01 -0.95 -11.49
N LEU A 5 22.72 -2.14 -12.00
CA LEU A 5 21.44 -2.80 -11.76
C LEU A 5 21.43 -3.36 -10.36
N ARG A 6 22.60 -3.73 -9.86
CA ARG A 6 22.76 -4.12 -8.46
C ARG A 6 22.82 -2.87 -7.65
N ALA A 7 23.42 -1.82 -8.20
CA ALA A 7 23.61 -0.56 -7.47
C ALA A 7 22.27 0.07 -7.13
N LEU A 8 21.47 0.25 -8.17
CA LEU A 8 20.09 0.73 -8.06
C LEU A 8 19.16 -0.18 -7.26
N ALA A 9 19.35 -1.49 -7.35
CA ALA A 9 18.66 -2.41 -6.45
C ALA A 9 18.93 -2.10 -4.95
N LYS A 10 20.13 -1.64 -4.63
CA LYS A 10 20.50 -1.41 -3.23
C LYS A 10 20.01 -0.07 -2.74
N HIS A 11 20.11 0.94 -3.60
CA HIS A 11 19.65 2.28 -3.29
C HIS A 11 18.21 2.26 -2.87
N LEU A 12 17.38 1.65 -3.70
CA LEU A 12 15.97 1.53 -3.44
C LEU A 12 15.71 0.90 -2.07
N TYR A 13 16.36 -0.22 -1.78
CA TYR A 13 16.19 -0.89 -0.51
C TYR A 13 16.49 0.07 0.66
N ASP A 14 17.68 0.68 0.63
CA ASP A 14 18.07 1.74 1.58
C ASP A 14 16.95 2.75 1.75
N SER A 15 16.49 3.35 0.65
CA SER A 15 15.40 4.34 0.70
C SER A 15 14.05 3.77 1.11
N TYR A 16 13.83 2.49 0.76
CA TYR A 16 12.65 1.75 1.20
C TYR A 16 12.68 1.64 2.73
N ILE A 17 13.84 1.20 3.23
CA ILE A 17 14.07 1.14 4.67
C ILE A 17 13.99 2.52 5.35
N LYS A 18 14.49 3.56 4.70
CA LYS A 18 14.31 4.92 5.22
C LYS A 18 12.84 5.37 5.35
N SER A 19 12.04 5.10 4.32
CA SER A 19 10.70 5.73 4.22
C SER A 19 9.60 4.91 4.87
N PHE A 20 9.77 3.59 4.96
CA PHE A 20 8.71 2.70 5.46
C PHE A 20 9.01 2.04 6.82
N PRO A 21 8.48 2.63 7.91
CA PRO A 21 8.81 2.16 9.28
C PRO A 21 8.37 0.72 9.57
N LEU A 22 7.20 0.29 9.11
CA LEU A 22 6.79 -1.12 9.19
C LEU A 22 7.20 -1.82 7.90
N THR A 23 8.03 -2.86 8.02
CA THR A 23 8.52 -3.65 6.88
C THR A 23 7.84 -5.01 6.86
N LYS A 24 7.91 -5.74 5.74
CA LYS A 24 7.39 -7.13 5.72
C LYS A 24 8.15 -7.94 6.75
N ALA A 25 9.47 -7.73 6.81
CA ALA A 25 10.34 -8.44 7.74
C ALA A 25 9.80 -8.36 9.15
N LYS A 26 9.44 -7.17 9.60
CA LYS A 26 8.83 -7.03 10.91
C LYS A 26 7.44 -7.64 10.96
N ALA A 27 6.71 -7.54 9.86
CA ALA A 27 5.31 -7.93 9.84
C ALA A 27 5.26 -9.43 9.87
N ARG A 28 6.15 -10.04 9.09
CA ARG A 28 6.28 -11.48 9.08
C ARG A 28 6.83 -12.05 10.40
N ALA A 29 7.77 -11.34 11.01
CA ALA A 29 8.36 -11.78 12.29
C ALA A 29 7.27 -11.88 13.36
N ILE A 30 6.43 -10.84 13.44
CA ILE A 30 5.31 -10.79 14.37
C ILE A 30 4.25 -11.83 14.00
N LEU A 31 3.85 -11.88 12.73
CA LEU A 31 2.80 -12.83 12.32
C LEU A 31 3.07 -14.29 12.65
N THR A 32 4.34 -14.68 12.70
CA THR A 32 4.71 -16.08 12.91
C THR A 32 5.16 -16.38 14.37
N GLY A 33 4.99 -15.38 15.24
CA GLY A 33 5.46 -15.48 16.62
C GLY A 33 6.93 -15.77 16.64
N LYS A 34 7.73 -14.70 16.52
CA LYS A 34 9.19 -14.79 16.52
C LYS A 34 9.66 -13.64 17.37
N THR A 35 8.76 -12.68 17.55
CA THR A 35 8.91 -11.72 18.62
C THR A 35 7.70 -11.94 19.54
N THR A 36 7.81 -12.94 20.42
CA THR A 36 6.85 -13.11 21.51
C THR A 36 6.99 -11.94 22.51
N ASP A 37 7.94 -11.05 22.18
CA ASP A 37 8.16 -9.77 22.86
C ASP A 37 7.32 -8.64 22.23
N LYS A 38 6.51 -8.98 21.23
CA LYS A 38 5.57 -8.05 20.58
C LYS A 38 4.23 -8.76 20.22
N SER A 39 3.68 -9.51 21.18
CA SER A 39 2.49 -10.38 20.96
C SER A 39 1.14 -9.62 20.94
N PRO A 40 0.41 -9.69 19.81
CA PRO A 40 -0.59 -8.68 19.41
C PRO A 40 -2.02 -8.92 19.90
N PHE A 41 -2.70 -7.86 20.31
CA PHE A 41 -4.06 -8.02 20.75
C PHE A 41 -4.94 -8.52 19.60
N VAL A 42 -5.81 -9.47 19.90
CA VAL A 42 -6.70 -10.05 18.90
C VAL A 42 -8.13 -9.52 18.97
N ILE A 43 -8.53 -8.83 17.90
CA ILE A 43 -9.87 -8.33 17.73
C ILE A 43 -10.69 -9.29 16.85
N TYR A 44 -11.66 -9.95 17.47
CA TYR A 44 -12.41 -10.95 16.76
C TYR A 44 -13.91 -10.70 16.75
N ASP A 45 -14.36 -9.71 17.55
CA ASP A 45 -15.77 -9.31 17.58
C ASP A 45 -15.95 -7.89 18.09
N MET A 46 -17.20 -7.43 18.12
CA MET A 46 -17.58 -6.14 18.74
C MET A 46 -16.99 -6.01 20.14
N ASN A 47 -17.02 -7.13 20.85
CA ASN A 47 -16.60 -7.25 22.22
C ASN A 47 -15.09 -6.98 22.43
N SER A 48 -14.24 -7.67 21.64
CA SER A 48 -12.78 -7.46 21.64
C SER A 48 -12.34 -6.18 20.90
N LEU A 49 -13.15 -5.74 19.93
CA LEU A 49 -13.02 -4.38 19.41
C LEU A 49 -12.92 -3.40 20.57
N MET A 50 -13.94 -3.39 21.43
CA MET A 50 -13.99 -2.52 22.60
C MET A 50 -12.73 -2.52 23.45
N MET A 51 -12.20 -3.71 23.72
CA MET A 51 -11.08 -3.81 24.64
C MET A 51 -9.78 -3.46 23.94
N GLY A 52 -9.72 -3.72 22.64
CA GLY A 52 -8.55 -3.35 21.85
C GLY A 52 -8.59 -1.89 21.41
N GLU A 53 -9.80 -1.35 21.31
CA GLU A 53 -10.07 0.06 21.06
C GLU A 53 -9.20 0.95 21.94
N ASP A 54 -9.27 0.72 23.26
CA ASP A 54 -8.28 1.22 24.21
C ASP A 54 -6.93 0.58 23.85
N LYS A 55 -6.10 1.29 23.06
CA LYS A 55 -4.81 0.72 22.64
C LYS A 55 -3.83 0.67 23.82
N ILE A 61 -4.01 9.75 14.88
CA ILE A 61 -4.49 10.33 16.13
C ILE A 61 -5.92 9.95 16.42
N THR A 62 -6.83 10.30 15.50
CA THR A 62 -8.28 10.20 15.69
C THR A 62 -8.71 10.76 17.08
N PRO A 63 -8.63 12.11 17.26
CA PRO A 63 -8.80 12.84 18.54
C PRO A 63 -10.21 12.79 19.20
N LEU A 64 -10.58 13.83 19.95
CA LEU A 64 -11.95 13.99 20.47
C LEU A 64 -12.91 14.10 19.30
N GLN A 65 -12.30 14.27 18.13
CA GLN A 65 -12.81 13.79 16.84
C GLN A 65 -13.46 12.40 17.01
N GLU A 66 -13.38 11.86 18.24
CA GLU A 66 -13.88 10.53 18.60
C GLU A 66 -15.38 10.33 18.38
N GLN A 67 -16.18 10.70 19.39
CA GLN A 67 -17.59 10.30 19.50
C GLN A 67 -17.72 8.79 19.28
N SER A 68 -18.01 8.06 20.36
CA SER A 68 -18.26 6.63 20.23
C SER A 68 -19.48 6.68 19.31
N LYS A 69 -19.25 6.44 18.02
CA LYS A 69 -20.33 6.27 17.03
C LYS A 69 -20.30 4.77 16.75
N GLU A 70 -20.76 4.34 15.58
CA GLU A 70 -20.77 2.90 15.35
C GLU A 70 -19.40 2.37 14.95
N VAL A 71 -19.20 1.09 15.22
CA VAL A 71 -18.01 0.33 14.79
C VAL A 71 -17.38 0.80 13.47
N ALA A 72 -18.18 0.89 12.42
CA ALA A 72 -17.69 1.21 11.08
C ALA A 72 -17.10 2.62 10.93
N ILE A 73 -17.52 3.57 11.77
CA ILE A 73 -16.99 4.93 11.65
C ILE A 73 -15.65 5.06 12.37
N ARG A 74 -15.49 4.30 13.44
CA ARG A 74 -14.21 4.20 14.13
C ARG A 74 -13.16 3.58 13.19
N ILE A 75 -13.57 2.52 12.49
CA ILE A 75 -12.70 1.82 11.53
C ILE A 75 -12.42 2.70 10.31
N PHE A 76 -13.41 3.45 9.87
CA PHE A 76 -13.19 4.47 8.84
C PHE A 76 -12.02 5.38 9.24
N GLN A 77 -12.03 5.86 10.47
CA GLN A 77 -11.07 6.87 10.90
C GLN A 77 -9.62 6.41 11.04
N GLY A 78 -9.43 5.15 11.38
CA GLY A 78 -8.08 4.62 11.52
C GLY A 78 -7.52 4.35 10.16
N CYS A 79 -8.37 3.82 9.28
CA CYS A 79 -8.03 3.65 7.88
C CYS A 79 -7.57 4.95 7.28
N GLN A 80 -8.34 6.00 7.54
CA GLN A 80 -8.12 7.31 6.98
C GLN A 80 -6.80 7.88 7.44
N PHE A 81 -6.54 7.75 8.70
CA PHE A 81 -5.34 8.27 9.27
C PHE A 81 -4.15 7.51 8.82
N ARG A 82 -4.29 6.22 8.67
CA ARG A 82 -3.25 5.33 8.24
C ARG A 82 -2.95 5.45 6.73
N SER A 83 -3.98 5.77 5.96
CA SER A 83 -3.84 6.08 4.54
C SER A 83 -3.00 7.33 4.37
N VAL A 84 -3.34 8.38 5.13
CA VAL A 84 -2.59 9.65 5.07
C VAL A 84 -1.10 9.41 5.28
N GLU A 85 -0.75 8.65 6.30
CA GLU A 85 0.66 8.32 6.58
C GLU A 85 1.35 7.60 5.42
N ALA A 86 0.64 6.63 4.85
CA ALA A 86 1.18 5.82 3.76
C ALA A 86 1.39 6.70 2.51
N VAL A 87 0.44 7.56 2.22
CA VAL A 87 0.63 8.47 1.12
C VAL A 87 1.99 9.18 1.32
N GLN A 88 2.23 9.69 2.54
CA GLN A 88 3.46 10.46 2.83
C GLN A 88 4.73 9.64 2.69
N GLU A 89 4.71 8.41 3.18
CA GLU A 89 5.86 7.52 3.11
C GLU A 89 6.16 7.20 1.66
N ILE A 90 5.12 6.83 0.91
CA ILE A 90 5.26 6.39 -0.46
C ILE A 90 5.85 7.52 -1.29
N THR A 91 5.33 8.73 -1.04
CA THR A 91 5.77 9.94 -1.71
C THR A 91 7.24 10.23 -1.43
N GLU A 92 7.62 10.11 -0.16
CA GLU A 92 9.00 10.30 0.23
C GLU A 92 9.83 9.22 -0.42
N TYR A 93 9.33 7.98 -0.47
CA TYR A 93 10.04 6.90 -1.18
C TYR A 93 10.16 7.21 -2.64
N ALA A 94 9.07 7.69 -3.23
CA ALA A 94 9.05 8.04 -4.64
C ALA A 94 10.13 9.08 -4.93
N LYS A 95 10.23 10.08 -4.05
CA LYS A 95 11.12 11.21 -4.30
C LYS A 95 12.53 10.72 -4.48
N SER A 96 12.76 9.45 -4.15
CA SER A 96 14.10 8.89 -4.10
C SER A 96 14.41 7.91 -5.22
N ILE A 97 13.45 7.68 -6.13
CA ILE A 97 13.71 6.86 -7.31
C ILE A 97 14.55 7.67 -8.32
N PRO A 98 15.75 7.17 -8.66
CA PRO A 98 16.63 7.91 -9.59
C PRO A 98 15.86 8.52 -10.75
N GLY A 99 16.02 9.83 -10.97
CA GLY A 99 15.27 10.52 -12.02
C GLY A 99 13.85 10.97 -11.70
N PHE A 100 13.24 10.43 -10.65
CA PHE A 100 11.86 10.80 -10.33
C PHE A 100 11.68 12.33 -10.25
N VAL A 101 12.62 13.00 -9.59
CA VAL A 101 12.45 14.44 -9.32
C VAL A 101 12.70 15.30 -10.55
N ASN A 102 13.43 14.75 -11.49
CA ASN A 102 13.77 15.48 -12.68
C ASN A 102 12.58 15.66 -13.62
N LEU A 103 11.51 14.89 -13.40
CA LEU A 103 10.28 14.96 -14.20
C LEU A 103 9.44 16.21 -13.92
N ASP A 104 8.58 16.55 -14.88
CA ASP A 104 7.63 17.65 -14.79
C ASP A 104 6.76 17.46 -13.57
N LEU A 105 6.58 18.51 -12.79
CA LEU A 105 5.82 18.40 -11.54
C LEU A 105 4.42 17.77 -11.67
N ASN A 106 3.66 18.23 -12.64
CA ASN A 106 2.33 17.64 -12.93
C ASN A 106 2.35 16.13 -13.10
N ASP A 107 3.44 15.59 -13.64
CA ASP A 107 3.50 14.17 -13.92
C ASP A 107 3.96 13.42 -12.71
N GLN A 108 4.63 14.13 -11.81
CA GLN A 108 5.09 13.51 -10.59
C GLN A 108 3.88 13.38 -9.71
N VAL A 109 3.01 14.38 -9.79
CA VAL A 109 1.71 14.37 -9.11
C VAL A 109 0.86 13.25 -9.68
N THR A 110 0.80 13.18 -11.01
CA THR A 110 -0.06 12.19 -11.70
C THR A 110 0.30 10.74 -11.26
N LEU A 111 1.59 10.43 -11.24
CA LEU A 111 2.04 9.11 -10.86
C LEU A 111 1.63 8.78 -9.43
N LEU A 112 1.68 9.77 -8.55
CA LEU A 112 1.27 9.51 -7.19
C LEU A 112 -0.23 9.37 -7.12
N LYS A 113 -0.96 10.24 -7.82
CA LYS A 113 -2.43 10.13 -7.83
C LYS A 113 -2.86 8.69 -8.10
N TYR A 114 -2.20 8.02 -9.06
CA TYR A 114 -2.63 6.71 -9.53
C TYR A 114 -1.85 5.57 -8.93
N GLY A 115 -0.62 5.84 -8.51
CA GLY A 115 0.23 4.78 -7.99
C GLY A 115 -0.01 4.48 -6.53
N VAL A 116 -0.75 5.35 -5.83
CA VAL A 116 -0.67 5.37 -4.39
C VAL A 116 -1.51 4.27 -3.75
N HIS A 117 -2.68 4.02 -4.29
CA HIS A 117 -3.50 2.96 -3.74
C HIS A 117 -3.07 1.54 -4.09
N GLU A 118 -2.32 1.40 -5.19
CA GLU A 118 -1.88 0.08 -5.64
C GLU A 118 -0.80 -0.39 -4.69
N ILE A 119 -0.04 0.59 -4.22
CA ILE A 119 1.03 0.33 -3.28
C ILE A 119 0.52 0.16 -1.86
N ILE A 120 -0.48 0.95 -1.50
CA ILE A 120 -1.17 0.73 -0.23
C ILE A 120 -1.66 -0.71 -0.08
N TYR A 121 -2.29 -1.23 -1.14
CA TYR A 121 -2.79 -2.62 -1.16
C TYR A 121 -1.70 -3.69 -1.28
N THR A 122 -0.60 -3.40 -1.98
CA THR A 122 0.57 -4.30 -2.00
C THR A 122 1.11 -4.48 -0.59
N MET A 123 1.21 -3.36 0.11
CA MET A 123 1.81 -3.34 1.42
C MET A 123 0.88 -4.00 2.42
N LEU A 124 -0.42 -3.85 2.18
CA LEU A 124 -1.43 -4.46 3.02
C LEU A 124 -1.20 -5.98 3.03
N ALA A 125 -0.97 -6.57 1.87
CA ALA A 125 -0.69 -8.00 1.80
C ALA A 125 0.39 -8.43 2.79
N SER A 126 1.38 -7.59 3.02
CA SER A 126 2.44 -7.95 3.95
C SER A 126 1.93 -8.14 5.38
N LEU A 127 0.72 -7.63 5.64
CA LEU A 127 0.18 -7.56 6.97
C LEU A 127 -0.89 -8.60 7.17
N MET A 128 -1.07 -9.42 6.15
CA MET A 128 -2.21 -10.33 6.08
C MET A 128 -1.73 -11.76 6.00
N ASN A 129 -2.56 -12.66 6.51
CA ASN A 129 -2.51 -14.05 6.16
C ASN A 129 -3.94 -14.52 5.96
N LYS A 130 -4.13 -15.84 5.86
CA LYS A 130 -5.43 -16.48 5.73
C LYS A 130 -6.53 -15.97 6.70
N ASP A 131 -6.18 -15.71 7.95
CA ASP A 131 -7.19 -15.45 8.98
C ASP A 131 -7.41 -13.98 9.41
N GLY A 132 -6.51 -13.08 9.05
CA GLY A 132 -6.68 -11.69 9.48
C GLY A 132 -5.56 -10.73 9.14
N VAL A 133 -5.55 -9.60 9.82
CA VAL A 133 -4.63 -8.52 9.45
C VAL A 133 -3.99 -7.82 10.63
N LEU A 134 -2.65 -7.74 10.59
CA LEU A 134 -1.88 -6.92 11.53
C LEU A 134 -2.26 -5.45 11.44
N ILE A 135 -2.63 -4.84 12.55
CA ILE A 135 -3.01 -3.45 12.54
C ILE A 135 -2.25 -2.74 13.66
N SER A 136 -2.43 -1.43 13.76
CA SER A 136 -1.86 -0.62 14.83
C SER A 136 -0.36 -0.88 14.99
N GLU A 137 0.36 -0.70 13.88
CA GLU A 137 1.79 -0.97 13.78
C GLU A 137 2.17 -2.35 14.29
N GLY A 138 1.26 -3.31 14.12
CA GLY A 138 1.52 -4.68 14.49
C GLY A 138 1.20 -5.03 15.94
N GLN A 139 0.82 -4.04 16.76
CA GLN A 139 0.40 -4.29 18.15
C GLN A 139 -1.04 -4.80 18.21
N GLY A 140 -1.59 -5.16 17.05
CA GLY A 140 -3.00 -5.51 16.90
C GLY A 140 -3.15 -6.48 15.75
N PHE A 141 -4.17 -7.31 15.80
CA PHE A 141 -4.46 -8.27 14.74
C PHE A 141 -5.97 -8.37 14.60
N MET A 142 -6.52 -7.93 13.46
CA MET A 142 -7.99 -8.02 13.23
C MET A 142 -8.40 -9.22 12.39
N THR A 143 -9.37 -10.00 12.84
CA THR A 143 -9.70 -11.21 12.06
C THR A 143 -10.41 -10.90 10.77
N ARG A 144 -10.23 -11.78 9.80
CA ARG A 144 -10.99 -11.78 8.58
C ARG A 144 -12.49 -11.96 8.87
N GLU A 145 -12.79 -12.90 9.77
CA GLU A 145 -14.15 -13.20 10.15
C GLU A 145 -14.91 -11.99 10.74
N PHE A 146 -14.19 -11.17 11.51
CA PHE A 146 -14.79 -9.99 12.13
C PHE A 146 -14.98 -8.86 11.13
N LEU A 147 -14.10 -8.79 10.13
CA LEU A 147 -14.27 -7.83 9.03
C LEU A 147 -15.46 -8.19 8.12
N LYS A 148 -15.90 -9.45 8.24
CA LYS A 148 -17.02 -9.99 7.47
C LYS A 148 -18.34 -9.65 8.14
N SER A 149 -18.32 -9.49 9.46
CA SER A 149 -19.53 -9.16 10.19
C SER A 149 -19.90 -7.69 10.06
N LEU A 150 -19.00 -6.88 9.49
CA LEU A 150 -19.31 -5.48 9.23
C LEU A 150 -20.50 -5.40 8.27
N ARG A 151 -21.43 -4.51 8.59
CA ARG A 151 -22.65 -4.38 7.79
C ARG A 151 -22.43 -3.63 6.49
N LYS A 152 -23.57 -3.36 5.85
CA LYS A 152 -23.70 -2.45 4.73
C LYS A 152 -22.71 -2.72 3.60
N PRO A 153 -22.03 -1.67 3.07
CA PRO A 153 -21.11 -1.95 1.94
C PRO A 153 -19.78 -2.58 2.31
N PHE A 154 -19.55 -2.80 3.60
CA PHE A 154 -18.21 -3.06 4.13
C PHE A 154 -17.84 -4.54 4.40
N GLY A 155 -18.82 -5.34 4.83
CA GLY A 155 -18.60 -6.76 5.18
C GLY A 155 -17.90 -7.67 4.17
N ASP A 156 -18.05 -7.37 2.89
CA ASP A 156 -17.45 -8.18 1.80
C ASP A 156 -16.48 -7.35 0.96
N PHE A 157 -15.95 -6.29 1.55
CA PHE A 157 -15.02 -5.48 0.82
C PHE A 157 -13.61 -6.08 0.79
N MET A 158 -13.12 -6.51 1.95
CA MET A 158 -11.77 -7.01 2.05
C MET A 158 -11.59 -8.45 1.56
N GLU A 159 -12.68 -9.18 1.42
CA GLU A 159 -12.61 -10.59 1.00
C GLU A 159 -11.74 -10.83 -0.25
N PRO A 160 -11.94 -10.01 -1.32
CA PRO A 160 -11.09 -10.14 -2.49
C PRO A 160 -9.63 -9.69 -2.27
N LYS A 161 -9.38 -8.89 -1.22
CA LYS A 161 -8.01 -8.49 -0.82
C LYS A 161 -7.28 -9.57 -0.01
N PHE A 162 -8.02 -10.32 0.81
CA PHE A 162 -7.44 -11.48 1.49
C PHE A 162 -7.08 -12.62 0.51
N GLU A 163 -8.02 -12.93 -0.38
CA GLU A 163 -7.70 -13.68 -1.56
C GLU A 163 -6.85 -12.66 -2.29
N PHE A 164 -5.70 -13.10 -2.77
CA PHE A 164 -4.77 -12.18 -3.40
C PHE A 164 -3.66 -11.75 -2.43
N ALA A 165 -3.97 -11.71 -1.15
CA ALA A 165 -2.97 -11.37 -0.14
C ALA A 165 -2.38 -12.71 0.23
N VAL A 166 -3.22 -13.71 0.10
CA VAL A 166 -2.84 -15.10 0.19
C VAL A 166 -2.06 -15.52 -1.08
N LYS A 167 -2.63 -15.21 -2.25
CA LYS A 167 -1.97 -15.52 -3.52
C LYS A 167 -0.63 -14.84 -3.74
N PHE A 168 -0.51 -13.60 -3.26
CA PHE A 168 0.68 -12.77 -3.45
C PHE A 168 1.75 -13.06 -2.38
N ASN A 169 1.30 -13.47 -1.20
CA ASN A 169 2.26 -13.91 -0.17
C ASN A 169 2.90 -15.24 -0.53
N ALA A 170 2.16 -16.11 -1.22
CA ALA A 170 2.70 -17.36 -1.73
C ALA A 170 3.94 -17.17 -2.63
N LEU A 171 4.22 -15.93 -3.03
CA LEU A 171 5.42 -15.62 -3.84
C LEU A 171 6.66 -15.40 -2.96
N GLU A 172 6.49 -15.53 -1.65
CA GLU A 172 7.56 -15.24 -0.68
C GLU A 172 8.49 -14.07 -1.06
N LEU A 173 7.91 -12.94 -1.49
CA LEU A 173 8.71 -11.74 -1.78
C LEU A 173 9.30 -11.16 -0.49
N ASP A 174 10.52 -10.62 -0.55
CA ASP A 174 11.01 -9.88 0.62
C ASP A 174 11.07 -8.35 0.47
N ASP A 175 11.44 -7.66 1.53
CA ASP A 175 11.57 -6.21 1.51
C ASP A 175 12.44 -5.72 0.32
N SER A 176 13.51 -6.43 0.02
CA SER A 176 14.38 -5.95 -1.05
C SER A 176 13.72 -6.17 -2.41
N ASP A 177 12.97 -7.27 -2.53
CA ASP A 177 12.14 -7.52 -3.72
C ASP A 177 11.08 -6.44 -3.83
N LEU A 178 10.32 -6.26 -2.77
CA LEU A 178 9.21 -5.35 -2.81
C LEU A 178 9.62 -3.93 -3.22
N ALA A 179 10.78 -3.48 -2.77
CA ALA A 179 11.27 -2.16 -3.08
C ALA A 179 11.20 -1.83 -4.56
N ILE A 180 11.59 -2.77 -5.40
CA ILE A 180 11.75 -2.47 -6.82
C ILE A 180 10.41 -2.60 -7.52
N PHE A 181 9.65 -3.59 -7.07
CA PHE A 181 8.30 -3.79 -7.51
C PHE A 181 7.49 -2.52 -7.30
N ILE A 182 7.72 -1.89 -6.16
CA ILE A 182 7.00 -0.68 -5.78
C ILE A 182 7.40 0.51 -6.66
N ALA A 183 8.67 0.56 -7.04
CA ALA A 183 9.16 1.61 -7.92
C ALA A 183 8.71 1.39 -9.37
N VAL A 184 8.66 0.12 -9.79
CA VAL A 184 8.13 -0.21 -11.10
C VAL A 184 6.70 0.31 -11.22
N ILE A 185 5.87 0.06 -10.20
CA ILE A 185 4.46 0.45 -10.25
C ILE A 185 4.36 1.96 -10.44
N ILE A 186 5.04 2.72 -9.56
CA ILE A 186 5.04 4.18 -9.60
C ILE A 186 5.47 4.75 -10.95
N LEU A 187 6.60 4.28 -11.46
CA LEU A 187 7.05 4.69 -12.79
C LEU A 187 6.33 3.98 -13.93
N SER A 188 5.01 4.13 -14.01
CA SER A 188 4.25 3.54 -15.09
C SER A 188 3.62 4.58 -16.01
N GLY A 189 4.06 4.58 -17.26
CA GLY A 189 3.73 5.63 -18.24
C GLY A 189 2.35 5.62 -18.85
N ASP A 190 1.49 4.70 -18.44
CA ASP A 190 0.15 4.56 -18.99
C ASP A 190 -0.92 5.17 -18.07
N ARG A 191 -0.52 6.01 -17.14
CA ARG A 191 -1.51 6.72 -16.31
C ARG A 191 -2.24 7.79 -17.13
N PRO A 192 -3.56 7.86 -16.98
CA PRO A 192 -4.29 8.95 -17.61
C PRO A 192 -3.63 10.30 -17.32
N GLY A 193 -3.63 11.17 -18.31
CA GLY A 193 -3.15 12.54 -18.10
C GLY A 193 -1.67 12.80 -17.97
N LEU A 194 -0.81 11.85 -18.28
CA LEU A 194 0.62 12.12 -18.25
C LEU A 194 1.03 12.99 -19.42
N LEU A 195 1.92 13.95 -19.16
CA LEU A 195 2.35 14.87 -20.19
C LEU A 195 3.48 14.27 -21.01
N ASN A 196 4.52 13.78 -20.32
CA ASN A 196 5.70 13.21 -20.98
C ASN A 196 5.92 11.75 -20.61
N VAL A 197 5.32 10.88 -21.41
CA VAL A 197 5.31 9.45 -21.19
C VAL A 197 6.72 8.87 -21.35
N LYS A 198 7.41 9.30 -22.40
CA LYS A 198 8.69 8.71 -22.80
C LYS A 198 9.75 8.60 -21.69
N PRO A 199 10.03 9.70 -20.93
CA PRO A 199 11.11 9.66 -19.90
C PRO A 199 10.85 8.65 -18.76
N ILE A 200 9.58 8.58 -18.35
CA ILE A 200 9.04 7.61 -17.42
C ILE A 200 9.31 6.17 -17.87
N GLU A 201 9.02 5.89 -19.16
CA GLU A 201 9.23 4.56 -19.70
C GLU A 201 10.72 4.15 -19.66
N ASP A 202 11.62 5.07 -20.02
CA ASP A 202 13.05 4.76 -19.92
C ASP A 202 13.40 4.47 -18.46
N ILE A 203 12.76 5.18 -17.52
CA ILE A 203 13.00 4.95 -16.11
C ILE A 203 12.46 3.57 -15.71
N GLN A 204 11.19 3.29 -16.03
CA GLN A 204 10.55 1.97 -15.75
C GLN A 204 11.29 0.79 -16.33
N ASP A 205 11.79 0.93 -17.56
CA ASP A 205 12.56 -0.14 -18.20
C ASP A 205 13.83 -0.51 -17.41
N ASN A 206 14.54 0.49 -16.92
CA ASN A 206 15.69 0.26 -16.04
C ASN A 206 15.31 -0.50 -14.76
N LEU A 207 14.17 -0.11 -14.18
CA LEU A 207 13.65 -0.73 -12.96
C LEU A 207 13.19 -2.17 -13.22
N LEU A 208 12.39 -2.36 -14.27
CA LEU A 208 11.99 -3.68 -14.74
C LEU A 208 13.15 -4.66 -14.85
N GLN A 209 14.32 -4.15 -15.25
CA GLN A 209 15.50 -4.96 -15.44
C GLN A 209 16.19 -5.21 -14.11
N ALA A 210 16.29 -4.18 -13.27
CA ALA A 210 16.90 -4.35 -11.94
C ALA A 210 16.16 -5.46 -11.20
N LEU A 211 14.81 -5.34 -11.15
CA LEU A 211 13.88 -6.36 -10.64
C LEU A 211 14.10 -7.77 -11.21
N GLU A 212 14.07 -7.89 -12.53
CA GLU A 212 14.36 -9.15 -13.19
C GLU A 212 15.55 -9.87 -12.56
N LEU A 213 16.64 -9.10 -12.39
CA LEU A 213 17.89 -9.59 -11.87
C LEU A 213 17.72 -9.96 -10.40
N GLN A 214 17.14 -9.04 -9.64
CA GLN A 214 16.87 -9.21 -8.23
C GLN A 214 16.28 -10.56 -7.98
N LEU A 215 15.29 -10.90 -8.82
CA LEU A 215 14.47 -12.07 -8.63
C LEU A 215 15.23 -13.29 -9.01
N LYS A 216 16.00 -13.22 -10.08
CA LYS A 216 16.83 -14.38 -10.40
C LYS A 216 17.88 -14.59 -9.31
N LEU A 217 18.45 -13.50 -8.81
CA LEU A 217 19.44 -13.54 -7.73
C LEU A 217 18.83 -14.02 -6.41
N ASN A 218 17.90 -13.24 -5.87
CA ASN A 218 17.34 -13.50 -4.55
C ASN A 218 16.51 -14.80 -4.43
N HIS A 219 15.96 -15.28 -5.56
CA HIS A 219 15.18 -16.52 -5.60
C HIS A 219 15.54 -17.32 -6.83
N PRO A 220 16.56 -18.19 -6.74
CA PRO A 220 17.02 -18.77 -8.01
C PRO A 220 16.16 -19.93 -8.46
N GLU A 221 15.27 -20.37 -7.57
CA GLU A 221 14.44 -21.55 -7.76
C GLU A 221 12.95 -21.25 -7.87
N SER A 222 12.60 -20.05 -8.35
CA SER A 222 11.20 -19.70 -8.65
C SER A 222 11.03 -19.58 -10.15
N SER A 223 12.12 -19.88 -10.86
CA SER A 223 12.11 -19.94 -12.32
C SER A 223 11.43 -18.74 -12.95
N GLN A 224 10.10 -18.72 -12.90
CA GLN A 224 9.34 -17.66 -13.56
C GLN A 224 8.74 -16.59 -12.63
N LEU A 225 9.44 -16.24 -11.56
CA LEU A 225 8.87 -15.32 -10.56
C LEU A 225 8.51 -13.96 -11.19
N PHE A 226 9.43 -13.46 -12.00
CA PHE A 226 9.26 -12.22 -12.70
C PHE A 226 7.87 -12.10 -13.38
N ALA A 227 7.54 -13.07 -14.23
CA ALA A 227 6.25 -13.18 -14.91
C ALA A 227 5.03 -13.29 -13.99
N LYS A 228 5.16 -14.07 -12.94
CA LYS A 228 4.11 -14.17 -11.94
C LYS A 228 3.86 -12.80 -11.30
N LEU A 229 4.96 -12.10 -11.00
CA LEU A 229 4.89 -10.83 -10.31
C LEU A 229 4.37 -9.70 -11.21
N LEU A 230 4.73 -9.73 -12.49
CA LEU A 230 4.16 -8.79 -13.47
C LEU A 230 2.62 -8.79 -13.52
N GLN A 231 2.04 -9.99 -13.53
CA GLN A 231 0.57 -10.17 -13.52
C GLN A 231 -0.15 -9.56 -12.30
N LYS A 232 0.46 -9.64 -11.13
CA LYS A 232 -0.13 -9.03 -9.93
C LYS A 232 -0.40 -7.53 -10.10
N MET A 233 0.47 -6.86 -10.85
CA MET A 233 0.30 -5.45 -11.16
C MET A 233 -1.06 -5.15 -11.75
N THR A 234 -1.61 -6.07 -12.53
CA THR A 234 -2.91 -5.76 -13.09
C THR A 234 -4.07 -6.27 -12.22
N ASP A 235 -3.84 -7.30 -11.40
CA ASP A 235 -4.80 -7.63 -10.33
C ASP A 235 -4.93 -6.41 -9.43
N LEU A 236 -3.81 -5.73 -9.22
CA LEU A 236 -3.78 -4.55 -8.38
C LEU A 236 -4.74 -3.47 -8.87
N ARG A 237 -4.80 -3.23 -10.18
CA ARG A 237 -5.74 -2.23 -10.70
C ARG A 237 -7.19 -2.60 -10.52
N GLN A 238 -7.54 -3.88 -10.65
CA GLN A 238 -8.86 -4.39 -10.23
C GLN A 238 -9.15 -4.03 -8.79
N ILE A 239 -8.24 -4.45 -7.90
CA ILE A 239 -8.33 -4.15 -6.48
C ILE A 239 -8.71 -2.67 -6.33
N VAL A 240 -8.04 -1.82 -7.11
CA VAL A 240 -8.16 -0.37 -6.99
C VAL A 240 -9.46 0.17 -7.57
N THR A 241 -9.91 -0.33 -8.71
CA THR A 241 -11.19 0.18 -9.19
C THR A 241 -12.30 -0.24 -8.21
N GLU A 242 -12.09 -1.39 -7.55
CA GLU A 242 -12.96 -1.91 -6.49
C GLU A 242 -12.99 -0.94 -5.34
N HIS A 243 -11.81 -0.49 -4.92
CA HIS A 243 -11.66 0.56 -3.92
C HIS A 243 -12.43 1.76 -4.33
N VAL A 244 -12.08 2.33 -5.48
CA VAL A 244 -12.72 3.55 -5.98
C VAL A 244 -14.24 3.43 -5.95
N GLN A 245 -14.77 2.27 -6.33
CA GLN A 245 -16.22 2.06 -6.35
C GLN A 245 -16.89 1.94 -4.95
N LEU A 246 -16.08 1.86 -3.90
CA LEU A 246 -16.62 1.85 -2.53
C LEU A 246 -16.76 3.29 -2.05
N LEU A 247 -15.67 4.05 -2.18
CA LEU A 247 -15.70 5.48 -1.95
C LEU A 247 -16.98 6.05 -2.58
N GLN A 248 -17.18 5.73 -3.84
CA GLN A 248 -18.43 6.06 -4.54
C GLN A 248 -19.70 5.85 -3.71
N VAL A 249 -19.85 4.71 -3.03
CA VAL A 249 -21.15 4.42 -2.39
C VAL A 249 -21.15 5.26 -1.08
N ILE A 250 -19.98 5.53 -0.51
CA ILE A 250 -19.94 6.33 0.73
C ILE A 250 -19.91 7.82 0.41
N LYS A 251 -19.70 8.15 -0.86
CA LYS A 251 -19.90 9.50 -1.29
C LYS A 251 -21.41 9.78 -1.13
N LYS A 252 -22.27 9.02 -1.82
CA LYS A 252 -23.70 9.33 -1.80
C LYS A 252 -24.39 8.89 -0.52
N THR A 253 -24.60 7.58 -0.37
CA THR A 253 -25.14 7.04 0.88
C THR A 253 -24.03 7.22 1.90
N GLU A 254 -24.27 6.90 3.16
CA GLU A 254 -23.21 7.05 4.18
C GLU A 254 -22.83 8.50 4.40
N THR A 255 -23.81 9.26 4.84
CA THR A 255 -23.57 10.57 5.44
C THR A 255 -22.45 10.43 6.47
N ASP A 256 -21.85 11.55 6.85
CA ASP A 256 -20.94 11.55 7.99
C ASP A 256 -19.49 11.13 7.70
N MET A 257 -19.22 10.52 6.54
CA MET A 257 -17.87 10.04 6.28
C MET A 257 -17.13 10.97 5.30
N SER A 258 -16.59 12.07 5.83
CA SER A 258 -15.78 13.02 5.03
C SER A 258 -14.40 12.46 4.81
N LEU A 259 -14.01 12.35 3.55
CA LEU A 259 -12.65 12.02 3.22
C LEU A 259 -11.68 13.08 3.72
N HIS A 260 -10.45 12.67 4.01
CA HIS A 260 -9.38 13.58 4.35
C HIS A 260 -9.04 14.30 3.09
N PRO A 261 -8.68 15.61 3.18
CA PRO A 261 -8.47 16.41 1.97
C PRO A 261 -7.35 15.87 1.11
N LEU A 262 -6.35 15.25 1.73
CA LEU A 262 -5.27 14.60 0.98
C LEU A 262 -5.86 13.50 0.11
N LEU A 263 -6.76 12.72 0.74
CA LEU A 263 -7.43 11.61 0.08
C LEU A 263 -8.48 12.09 -0.90
N GLN A 264 -9.06 13.26 -0.64
CA GLN A 264 -9.90 13.99 -1.59
C GLN A 264 -9.16 14.35 -2.89
N GLU A 265 -8.06 15.10 -2.77
CA GLU A 265 -7.19 15.37 -3.91
C GLU A 265 -6.99 14.16 -4.81
N ILE A 266 -6.84 12.99 -4.18
CA ILE A 266 -6.44 11.77 -4.87
C ILE A 266 -7.63 11.09 -5.53
N TYR A 267 -8.67 10.78 -4.75
CA TYR A 267 -9.94 10.37 -5.29
C TYR A 267 -10.68 11.59 -5.80
N LYS A 268 -10.44 11.97 -7.05
CA LYS A 268 -11.12 13.12 -7.66
C LYS A 268 -10.62 13.04 -9.10
N ASP A 269 -11.54 12.82 -10.04
CA ASP A 269 -11.17 12.68 -11.45
C ASP A 269 -10.27 11.48 -11.81
N LEU A 270 -10.73 10.27 -11.49
CA LEU A 270 -10.10 9.03 -12.01
C LEU A 270 -10.95 7.82 -12.37
N ARG B 1 -2.55 19.74 -8.97
CA ARG B 1 -3.02 20.70 -7.98
C ARG B 1 -4.47 20.43 -7.69
N HIS B 2 -4.70 19.59 -6.70
CA HIS B 2 -3.61 18.92 -6.00
C HIS B 2 -2.67 19.67 -5.12
N LYS B 3 -3.20 20.38 -4.14
CA LYS B 3 -2.38 21.29 -3.33
C LYS B 3 -1.46 20.58 -2.32
N ILE B 4 -1.97 19.60 -1.59
CA ILE B 4 -1.16 18.87 -0.59
C ILE B 4 0.02 18.05 -1.14
N LEU B 5 -0.25 17.16 -2.11
CA LEU B 5 0.81 16.66 -2.97
C LEU B 5 1.27 17.90 -3.71
N HIS B 6 2.58 18.12 -3.79
CA HIS B 6 3.08 19.39 -4.28
C HIS B 6 3.90 19.88 -3.18
N ARG B 7 3.24 20.18 -2.05
CA ARG B 7 3.95 20.62 -0.86
C ARG B 7 4.79 19.45 -0.39
N LEU B 8 4.17 18.26 -0.40
CA LEU B 8 4.87 17.02 -0.09
C LEU B 8 5.90 16.71 -1.16
N LEU B 9 5.69 17.23 -2.37
CA LEU B 9 6.66 17.05 -3.43
C LEU B 9 7.78 18.08 -3.37
N GLN B 10 7.41 19.33 -3.11
CA GLN B 10 8.36 20.44 -2.98
C GLN B 10 9.41 20.20 -1.89
N GLU B 11 8.99 19.57 -0.79
CA GLU B 11 9.91 19.01 0.22
C GLU B 11 9.17 18.29 1.33
#